data_5T5P
#
_entry.id   5T5P
#
_cell.length_a   44.686
_cell.length_b   88.459
_cell.length_c   110.986
_cell.angle_alpha   90.000
_cell.angle_beta   90.000
_cell.angle_gamma   90.000
#
_symmetry.space_group_name_H-M   'P 21 21 21'
#
loop_
_entity.id
_entity.type
_entity.pdbx_description
1 polymer Lectin
2 polymer 'TN ANTIGEN ACE-SER-THR-VAL-GLY'
3 non-polymer 'CALCIUM ION'
4 non-polymer 1,2-ETHANEDIOL
5 non-polymer 'CHLORIDE ION'
6 non-polymer 2-acetamido-2-deoxy-alpha-D-galactopyranose
7 water water
#
loop_
_entity_poly.entity_id
_entity_poly.type
_entity_poly.pdbx_seq_one_letter_code
_entity_poly.pdbx_strand_id
1 'polypeptide(L)'
;SELSFNYPNFQSVEDITFQGGASPRNETLQLTPTDSNGIPIRQRAGHAVYSQPFQLRDTSFYTTFTFVIRTTSNSPADGF
AIFIAPPDFPVKRYGGYLGLFEPNTATNTSANKVVAVEFDTWVNTEWKEPRYRHIGIDVNSIVSVRVTRWQDKDVFSRSI
ATAHVGYDGISKILTAFVTYPDGGNYVLSHVVDLAEIFPGDVRIGFSGATGQYETQYIHSWSFSSTSTNLLRDGARHHHH
HH
;
A,B
2 'polypeptide(L)' (ACE)STVG a,b
#
# COMPACT_ATOMS: atom_id res chain seq x y z
N SER A 1 0.26 -16.25 12.09
CA SER A 1 -0.73 -17.27 11.69
C SER A 1 -1.63 -16.77 10.59
N GLU A 2 -2.39 -17.71 9.99
CA GLU A 2 -3.31 -17.41 8.91
C GLU A 2 -4.72 -17.11 9.36
N LEU A 3 -5.20 -15.99 8.88
CA LEU A 3 -6.53 -15.45 9.24
C LEU A 3 -6.99 -14.63 8.06
N SER A 4 -8.25 -14.79 7.67
CA SER A 4 -8.85 -13.86 6.74
C SER A 4 -10.29 -13.60 7.09
N PHE A 5 -10.69 -12.38 6.82
CA PHE A 5 -12.12 -11.98 6.96
C PHE A 5 -12.43 -10.84 6.03
N ASN A 6 -13.75 -10.67 5.83
CA ASN A 6 -14.20 -9.71 4.85
C ASN A 6 -15.60 -9.21 5.20
N TYR A 7 -15.74 -7.91 5.51
CA TYR A 7 -16.97 -7.23 5.84
C TYR A 7 -17.21 -6.11 4.82
N PRO A 8 -17.93 -6.42 3.75
CA PRO A 8 -18.19 -5.35 2.79
C PRO A 8 -19.13 -4.27 3.37
N ASN A 9 -19.91 -4.67 4.38
CA ASN A 9 -20.68 -3.74 5.21
C ASN A 9 -20.77 -4.46 6.57
N PHE A 10 -21.45 -3.83 7.52
CA PHE A 10 -21.55 -4.38 8.90
C PHE A 10 -23.00 -4.68 9.27
N GLN A 11 -23.75 -5.18 8.29
CA GLN A 11 -25.10 -5.74 8.64
C GLN A 11 -24.87 -7.04 9.43
N SER A 12 -23.70 -7.70 9.35
CA SER A 12 -23.29 -8.66 10.32
C SER A 12 -22.05 -8.12 11.10
N VAL A 13 -22.07 -8.35 12.41
CA VAL A 13 -20.93 -8.09 13.28
C VAL A 13 -20.65 -9.32 14.09
N GLU A 14 -20.87 -10.50 13.48
CA GLU A 14 -20.74 -11.73 14.16
C GLU A 14 -19.44 -11.86 14.92
N ASP A 15 -18.34 -11.43 14.29
CA ASP A 15 -16.99 -11.56 14.89
C ASP A 15 -16.41 -10.24 15.32
N ILE A 16 -17.22 -9.22 15.54
CA ILE A 16 -16.70 -7.92 16.00
C ILE A 16 -17.10 -7.72 17.45
N THR A 17 -16.11 -7.39 18.27
CA THR A 17 -16.35 -7.00 19.63
C THR A 17 -16.34 -5.50 19.79
N PHE A 18 -17.36 -5.03 20.46
CA PHE A 18 -17.57 -3.53 20.75
C PHE A 18 -17.26 -3.31 22.24
N GLN A 19 -16.48 -2.28 22.53
CA GLN A 19 -16.13 -1.91 23.92
C GLN A 19 -16.17 -0.42 24.06
N GLY A 20 -16.47 0.04 25.25
CA GLY A 20 -16.52 1.47 25.54
C GLY A 20 -17.70 2.06 24.78
N GLY A 21 -17.48 3.17 24.11
CA GLY A 21 -18.51 3.85 23.43
C GLY A 21 -18.78 3.48 21.99
N ALA A 22 -18.14 2.44 21.44
CA ALA A 22 -18.39 2.01 20.11
C ALA A 22 -19.63 1.12 19.98
N SER A 23 -20.30 1.23 18.84
CA SER A 23 -21.45 0.38 18.61
C SER A 23 -21.69 0.21 17.11
N PRO A 24 -22.47 -0.82 16.74
CA PRO A 24 -22.89 -1.01 15.38
C PRO A 24 -24.04 -0.05 15.09
N ARG A 25 -23.97 0.72 14.04
CA ARG A 25 -25.04 1.63 13.68
C ARG A 25 -25.06 1.78 12.18
N ASN A 26 -26.24 1.73 11.62
CA ASN A 26 -26.47 1.97 10.19
C ASN A 26 -25.49 1.23 9.27
N GLU A 27 -25.23 -0.06 9.52
CA GLU A 27 -24.39 -0.90 8.69
C GLU A 27 -22.92 -0.54 8.78
N THR A 28 -22.53 0.28 9.75
CA THR A 28 -21.16 0.70 10.02
C THR A 28 -20.71 0.37 11.44
N LEU A 29 -19.40 0.51 11.70
CA LEU A 29 -18.88 0.54 13.03
C LEU A 29 -18.79 2.01 13.47
N GLN A 30 -19.56 2.42 14.45
CA GLN A 30 -19.53 3.79 14.95
C GLN A 30 -18.62 3.81 16.19
N LEU A 31 -17.47 4.48 16.10
CA LEU A 31 -16.47 4.30 17.13
C LEU A 31 -16.66 5.11 18.38
N THR A 32 -17.34 6.22 18.32
CA THR A 32 -17.67 7.02 19.48
C THR A 32 -19.15 7.29 19.48
N PRO A 33 -19.72 7.54 20.65
CA PRO A 33 -21.18 7.58 20.77
C PRO A 33 -21.83 8.93 20.43
N THR A 34 -23.05 8.90 20.00
CA THR A 34 -23.85 10.11 19.78
C THR A 34 -25.10 10.01 20.67
N ASP A 35 -25.62 11.16 21.04
CA ASP A 35 -26.78 11.20 21.90
C ASP A 35 -28.09 10.97 21.10
N SER A 36 -29.24 11.09 21.77
CA SER A 36 -30.48 10.76 21.06
C SER A 36 -30.85 11.80 20.03
N ASN A 37 -30.26 12.99 20.09
CA ASN A 37 -30.32 13.93 18.95
C ASN A 37 -29.23 13.80 17.85
N GLY A 38 -28.46 12.74 17.87
CA GLY A 38 -27.39 12.55 16.90
C GLY A 38 -26.11 13.36 17.18
N ILE A 39 -26.02 13.97 18.35
CA ILE A 39 -24.95 14.93 18.62
C ILE A 39 -23.74 14.13 19.21
N PRO A 40 -22.51 14.31 18.70
CA PRO A 40 -21.36 13.64 19.33
C PRO A 40 -21.14 13.91 20.78
N ILE A 41 -21.00 12.86 21.57
CA ILE A 41 -20.78 12.95 22.95
C ILE A 41 -19.29 13.20 23.25
N ARG A 42 -19.07 14.21 24.08
CA ARG A 42 -17.68 14.60 24.46
C ARG A 42 -17.02 13.60 25.38
N GLN A 43 -15.69 13.51 25.25
CA GLN A 43 -14.90 12.77 26.22
C GLN A 43 -15.36 11.28 26.34
N ARG A 44 -15.39 10.57 25.19
CA ARG A 44 -15.68 9.15 25.13
C ARG A 44 -14.66 8.48 24.18
N ALA A 45 -14.38 7.24 24.43
CA ALA A 45 -13.58 6.41 23.54
C ALA A 45 -14.29 5.08 23.38
N GLY A 46 -13.98 4.45 22.24
CA GLY A 46 -14.57 3.17 21.93
C GLY A 46 -13.66 2.34 21.07
N HIS A 47 -13.82 1.03 21.17
CA HIS A 47 -13.08 0.11 20.31
C HIS A 47 -14.04 -0.79 19.61
N ALA A 48 -13.73 -1.13 18.38
CA ALA A 48 -14.43 -2.19 17.63
C ALA A 48 -13.36 -3.09 17.07
N VAL A 49 -13.31 -4.36 17.54
CA VAL A 49 -12.15 -5.19 17.19
C VAL A 49 -12.54 -6.53 16.62
N TYR A 50 -11.73 -7.06 15.72
CA TYR A 50 -12.00 -8.42 15.30
C TYR A 50 -11.84 -9.38 16.48
N SER A 51 -12.84 -10.24 16.76
CA SER A 51 -12.76 -10.89 18.05
C SER A 51 -11.74 -12.00 18.22
N GLN A 52 -11.26 -12.60 17.14
CA GLN A 52 -10.34 -13.76 17.18
C GLN A 52 -8.91 -13.32 17.24
N PRO A 53 -8.15 -13.85 18.22
CA PRO A 53 -6.71 -13.57 18.27
C PRO A 53 -5.94 -14.25 17.16
N PHE A 54 -4.84 -13.67 16.77
CA PHE A 54 -3.90 -14.24 15.84
C PHE A 54 -2.51 -13.98 16.31
N GLN A 55 -1.56 -14.62 15.61
CA GLN A 55 -0.15 -14.50 16.04
C GLN A 55 0.60 -13.76 14.95
N LEU A 56 1.67 -13.07 15.29
CA LEU A 56 2.47 -12.31 14.28
C LEU A 56 3.80 -12.93 13.96
N ARG A 57 4.17 -14.01 14.63
CA ARG A 57 5.46 -14.61 14.24
C ARG A 57 5.47 -15.10 12.83
N ASP A 58 6.51 -14.81 12.06
CA ASP A 58 6.61 -15.33 10.66
C ASP A 58 5.32 -15.05 9.84
N THR A 59 4.75 -13.86 9.97
CA THR A 59 3.48 -13.51 9.30
C THR A 59 3.58 -12.14 8.56
N SER A 60 2.99 -12.07 7.39
CA SER A 60 2.70 -10.82 6.72
C SER A 60 1.16 -10.64 6.77
N PHE A 61 0.71 -9.43 6.65
CA PHE A 61 -0.72 -9.15 6.49
C PHE A 61 -1.03 -8.00 5.61
N TYR A 62 -2.29 -7.98 5.11
CA TYR A 62 -2.82 -6.91 4.32
C TYR A 62 -4.23 -6.68 4.88
N THR A 63 -4.54 -5.44 5.11
CA THR A 63 -5.89 -5.07 5.51
C THR A 63 -6.29 -3.80 4.80
N THR A 64 -7.59 -3.66 4.53
CA THR A 64 -8.10 -2.43 3.93
C THR A 64 -9.45 -2.15 4.61
N PHE A 65 -9.73 -0.89 4.69
CA PHE A 65 -11.00 -0.42 5.23
C PHE A 65 -11.38 0.89 4.63
N THR A 66 -12.69 1.15 4.70
CA THR A 66 -13.20 2.46 4.31
C THR A 66 -13.82 3.12 5.50
N PHE A 67 -13.69 4.42 5.54
CA PHE A 67 -14.06 5.22 6.71
C PHE A 67 -14.58 6.61 6.34
N VAL A 68 -15.39 7.13 7.26
CA VAL A 68 -15.89 8.49 7.15
C VAL A 68 -15.67 9.17 8.52
N ILE A 69 -15.16 10.40 8.46
CA ILE A 69 -15.08 11.33 9.63
C ILE A 69 -16.28 12.26 9.45
N ARG A 70 -17.19 12.27 10.42
CA ARG A 70 -18.33 13.15 10.34
C ARG A 70 -18.08 14.30 11.33
N THR A 71 -17.97 15.55 10.86
CA THR A 71 -17.73 16.65 11.79
C THR A 71 -18.92 17.53 11.84
N THR A 72 -19.09 18.19 12.98
CA THR A 72 -20.18 19.15 13.17
C THR A 72 -19.67 20.52 13.47
N SER A 73 -18.36 20.72 13.35
CA SER A 73 -17.69 22.03 13.40
C SER A 73 -16.32 22.02 12.80
N ASN A 74 -15.66 23.18 12.71
CA ASN A 74 -14.30 23.33 12.21
C ASN A 74 -13.26 22.96 13.22
N SER A 75 -13.71 22.56 14.44
CA SER A 75 -12.77 22.15 15.46
C SER A 75 -13.07 20.78 16.02
N PRO A 76 -13.04 19.76 15.16
CA PRO A 76 -13.35 18.43 15.62
C PRO A 76 -12.18 17.83 16.46
N ALA A 77 -12.47 16.86 17.32
CA ALA A 77 -11.45 16.10 18.06
C ALA A 77 -12.05 14.74 18.41
N ASP A 78 -11.26 13.67 18.45
CA ASP A 78 -9.79 13.58 18.34
C ASP A 78 -9.25 12.80 17.22
N GLY A 79 -10.10 11.97 16.63
CA GLY A 79 -9.69 11.09 15.55
C GLY A 79 -9.83 9.61 15.89
N PHE A 80 -9.19 8.74 15.09
CA PHE A 80 -9.32 7.32 15.36
C PHE A 80 -8.05 6.62 14.90
N ALA A 81 -7.93 5.32 15.19
CA ALA A 81 -6.80 4.59 14.72
C ALA A 81 -7.20 3.14 14.44
N ILE A 82 -6.45 2.51 13.55
CA ILE A 82 -6.43 1.04 13.44
C ILE A 82 -5.23 0.55 14.26
N PHE A 83 -5.44 -0.41 15.16
CA PHE A 83 -4.38 -0.80 16.12
C PHE A 83 -4.29 -2.32 16.26
N ILE A 84 -3.11 -2.76 16.70
CA ILE A 84 -2.82 -4.10 17.14
C ILE A 84 -2.33 -4.04 18.58
N ALA A 85 -2.88 -4.96 19.38
CA ALA A 85 -2.49 -5.06 20.78
C ALA A 85 -2.87 -6.41 21.28
N PRO A 86 -2.48 -6.73 22.52
CA PRO A 86 -2.90 -8.03 23.06
C PRO A 86 -4.35 -8.19 23.19
N PRO A 87 -4.86 -9.45 23.28
CA PRO A 87 -6.33 -9.64 23.22
C PRO A 87 -7.14 -9.01 24.36
N ASP A 88 -6.49 -8.77 25.53
CA ASP A 88 -7.15 -8.15 26.62
C ASP A 88 -6.84 -6.68 26.73
N PHE A 89 -6.42 -6.04 25.65
CA PHE A 89 -6.18 -4.60 25.67
C PHE A 89 -7.55 -3.96 25.78
N PRO A 90 -7.73 -3.12 26.81
CA PRO A 90 -9.00 -2.45 27.02
C PRO A 90 -9.12 -1.10 26.37
N VAL A 91 -10.33 -0.51 26.30
CA VAL A 91 -10.45 0.87 25.90
C VAL A 91 -9.74 1.79 26.96
N LYS A 92 -8.81 2.65 26.53
CA LYS A 92 -8.11 3.55 27.43
C LYS A 92 -8.69 4.96 27.26
N ARG A 93 -7.87 5.98 27.52
CA ARG A 93 -8.40 7.29 27.78
C ARG A 93 -8.92 7.95 26.51
N TYR A 94 -10.03 8.69 26.67
CA TYR A 94 -10.63 9.54 25.61
C TYR A 94 -9.81 10.78 25.37
N GLY A 95 -10.28 11.67 24.54
CA GLY A 95 -9.47 12.82 24.13
C GLY A 95 -8.28 12.38 23.29
N GLY A 96 -7.21 13.17 23.36
CA GLY A 96 -6.06 12.96 22.47
C GLY A 96 -5.28 11.68 22.65
N TYR A 97 -5.66 10.87 23.65
CA TYR A 97 -5.10 9.56 23.90
C TYR A 97 -5.72 8.49 22.94
N LEU A 98 -6.78 8.91 22.21
CA LEU A 98 -7.35 8.10 21.11
C LEU A 98 -7.84 6.78 21.55
N GLY A 99 -8.09 6.61 22.85
CA GLY A 99 -8.59 5.35 23.34
C GLY A 99 -7.48 4.30 23.47
N LEU A 100 -6.21 4.73 23.32
CA LEU A 100 -5.10 3.78 23.21
C LEU A 100 -4.06 3.87 24.34
N PHE A 101 -4.07 5.00 25.06
CA PHE A 101 -3.06 5.32 26.07
C PHE A 101 -3.74 6.02 27.27
N GLU A 102 -2.99 6.16 28.36
CA GLU A 102 -3.45 6.94 29.47
C GLU A 102 -2.43 8.03 29.82
N PRO A 103 -2.92 9.08 30.49
CA PRO A 103 -2.10 10.26 30.64
C PRO A 103 -0.70 9.99 31.25
N ASN A 104 -0.59 9.10 32.23
CA ASN A 104 0.68 9.06 32.92
C ASN A 104 1.74 8.26 32.33
N THR A 105 1.38 7.52 31.28
CA THR A 105 2.39 6.75 30.52
C THR A 105 2.30 6.91 28.99
N ALA A 106 1.56 7.88 28.51
CA ALA A 106 1.25 7.95 27.06
C ALA A 106 2.47 8.09 26.17
N THR A 107 3.52 8.67 26.71
CA THR A 107 4.79 8.86 25.91
C THR A 107 5.87 7.93 26.32
N ASN A 108 5.55 6.96 27.16
CA ASN A 108 6.58 6.06 27.72
C ASN A 108 6.58 4.79 26.96
N THR A 109 7.52 4.61 26.06
CA THR A 109 7.50 3.44 25.23
C THR A 109 7.70 2.12 26.00
N SER A 110 8.35 2.12 27.15
CA SER A 110 8.52 0.91 27.92
C SER A 110 7.23 0.48 28.65
N ALA A 111 6.21 1.34 28.73
CA ALA A 111 5.04 1.08 29.51
C ALA A 111 3.83 0.71 28.64
N ASN A 112 4.02 0.67 27.33
CA ASN A 112 2.87 0.35 26.41
C ASN A 112 3.24 -0.74 25.46
N LYS A 113 2.24 -1.47 25.01
CA LYS A 113 2.44 -2.51 23.98
C LYS A 113 1.28 -2.38 23.02
N VAL A 114 1.41 -1.48 22.05
CA VAL A 114 0.31 -1.21 21.10
C VAL A 114 0.97 -0.53 19.90
N VAL A 115 0.55 -0.98 18.70
CA VAL A 115 0.99 -0.36 17.46
C VAL A 115 -0.25 0.11 16.68
N ALA A 116 -0.21 1.29 16.13
CA ALA A 116 -1.38 1.82 15.44
C ALA A 116 -1.05 2.71 14.26
N VAL A 117 -2.01 2.85 13.39
CA VAL A 117 -2.00 3.93 12.36
C VAL A 117 -3.14 4.87 12.79
N GLU A 118 -2.76 6.11 13.11
CA GLU A 118 -3.68 7.09 13.64
C GLU A 118 -4.08 8.11 12.59
N PHE A 119 -5.31 8.59 12.73
CA PHE A 119 -5.87 9.66 11.91
C PHE A 119 -6.32 10.70 12.91
N ASP A 120 -5.49 11.72 13.04
CA ASP A 120 -5.48 12.66 14.19
C ASP A 120 -6.03 14.00 13.80
N THR A 121 -7.25 14.34 14.28
CA THR A 121 -7.93 15.52 13.91
C THR A 121 -7.70 16.72 14.85
N TRP A 122 -6.97 16.54 15.95
CA TRP A 122 -6.81 17.62 16.91
C TRP A 122 -5.34 17.74 17.32
N VAL A 123 -4.79 18.92 17.07
CA VAL A 123 -3.40 19.16 17.41
C VAL A 123 -3.27 19.37 18.93
N ASN A 124 -2.66 18.36 19.56
CA ASN A 124 -2.46 18.38 20.99
C ASN A 124 -1.20 19.19 21.36
N THR A 125 -1.27 19.96 22.45
CA THR A 125 -0.06 20.65 22.95
C THR A 125 0.52 19.90 24.16
N GLU A 126 -0.18 18.86 24.62
CA GLU A 126 0.22 18.18 25.82
C GLU A 126 1.36 17.22 25.60
N TRP A 127 1.69 16.96 24.34
CA TRP A 127 2.81 16.08 23.96
C TRP A 127 3.21 16.60 22.58
N LYS A 128 4.35 16.16 22.10
CA LYS A 128 4.86 16.59 20.81
C LYS A 128 4.06 16.00 19.66
N GLU A 129 3.42 16.83 18.88
CA GLU A 129 2.93 16.37 17.62
C GLU A 129 2.90 17.53 16.67
N PRO A 130 2.73 17.26 15.38
CA PRO A 130 2.75 18.35 14.37
C PRO A 130 1.70 19.40 14.59
N ARG A 131 1.94 20.62 14.09
CA ARG A 131 1.00 21.71 14.24
C ARG A 131 -0.13 21.70 13.24
N TYR A 132 -0.35 20.58 12.56
CA TYR A 132 -1.45 20.44 11.63
C TYR A 132 -2.03 19.03 11.90
N ARG A 133 -3.26 18.81 11.40
CA ARG A 133 -3.89 17.52 11.46
C ARG A 133 -2.96 16.56 10.67
N HIS A 134 -2.92 15.29 11.06
CA HIS A 134 -1.93 14.36 10.59
C HIS A 134 -2.34 12.91 10.67
N ILE A 135 -1.68 12.10 9.87
CA ILE A 135 -1.80 10.65 9.90
C ILE A 135 -0.41 10.15 10.41
N GLY A 136 -0.40 9.16 11.27
CA GLY A 136 0.82 8.74 11.96
C GLY A 136 0.87 7.25 12.20
N ILE A 137 2.10 6.70 12.30
CA ILE A 137 2.32 5.40 12.83
C ILE A 137 2.80 5.58 14.24
N ASP A 138 2.17 4.84 15.17
CA ASP A 138 2.49 4.91 16.61
C ASP A 138 3.00 3.57 17.03
N VAL A 139 4.15 3.56 17.75
CA VAL A 139 4.69 2.33 18.33
C VAL A 139 4.94 2.59 19.80
N ASN A 140 4.00 2.08 20.61
CA ASN A 140 4.07 2.15 22.06
C ASN A 140 4.10 3.57 22.70
N SER A 141 3.64 4.57 21.92
CA SER A 141 3.56 5.93 22.35
C SER A 141 2.57 6.70 21.52
N ILE A 142 1.96 7.67 22.16
CA ILE A 142 1.12 8.66 21.45
C ILE A 142 1.91 9.68 20.62
N VAL A 143 3.21 9.75 20.81
CA VAL A 143 4.08 10.57 19.94
C VAL A 143 4.51 9.64 18.77
N SER A 144 3.94 9.89 17.64
CA SER A 144 4.16 9.07 16.43
C SER A 144 5.62 8.95 16.02
N VAL A 145 6.03 7.74 15.61
CA VAL A 145 7.39 7.55 15.14
C VAL A 145 7.50 7.97 13.67
N ARG A 146 6.39 8.06 12.94
CA ARG A 146 6.36 8.56 11.53
C ARG A 146 5.04 9.30 11.42
N VAL A 147 5.10 10.51 10.87
CA VAL A 147 3.89 11.32 10.75
C VAL A 147 3.91 12.18 9.56
N THR A 148 2.72 12.41 8.97
CA THR A 148 2.61 13.22 7.78
C THR A 148 1.38 14.11 7.92
N ARG A 149 1.41 15.21 7.21
CA ARG A 149 0.27 16.12 7.15
C ARG A 149 -0.92 15.48 6.49
N TRP A 150 -2.09 15.62 7.09
CA TRP A 150 -3.39 15.20 6.55
C TRP A 150 -4.12 16.46 6.16
N GLN A 151 -4.36 16.64 4.87
CA GLN A 151 -4.90 17.88 4.36
C GLN A 151 -6.29 18.13 4.88
N ASP A 152 -6.53 19.38 5.28
CA ASP A 152 -7.88 19.70 5.78
C ASP A 152 -8.95 19.48 4.72
N LYS A 153 -8.65 19.67 3.42
CA LYS A 153 -9.64 19.43 2.40
C LYS A 153 -10.13 17.98 2.47
N ASP A 154 -9.22 17.08 2.80
CA ASP A 154 -9.59 15.68 2.87
C ASP A 154 -10.27 15.36 4.24
N VAL A 155 -9.69 15.88 5.33
CA VAL A 155 -10.32 15.70 6.65
C VAL A 155 -11.83 15.99 6.62
N PHE A 156 -12.16 17.12 6.03
CA PHE A 156 -13.50 17.69 6.02
C PHE A 156 -14.29 17.32 4.77
N SER A 157 -13.77 16.40 3.99
CA SER A 157 -14.40 16.09 2.67
C SER A 157 -15.80 15.46 2.69
N ARG A 158 -16.14 14.80 3.79
CA ARG A 158 -17.35 13.99 3.91
C ARG A 158 -17.27 12.76 3.02
N SER A 159 -16.13 12.48 2.47
CA SER A 159 -15.97 11.37 1.54
C SER A 159 -15.80 10.06 2.29
N ILE A 160 -16.12 8.95 1.61
CA ILE A 160 -15.72 7.64 2.11
C ILE A 160 -14.31 7.51 1.64
N ALA A 161 -13.36 7.52 2.56
CA ALA A 161 -11.90 7.33 2.28
C ALA A 161 -11.50 5.87 2.41
N THR A 162 -10.33 5.51 1.84
CA THR A 162 -9.86 4.14 1.85
C THR A 162 -8.46 4.09 2.48
N ALA A 163 -8.26 3.19 3.41
CA ALA A 163 -6.93 2.89 3.92
C ALA A 163 -6.51 1.53 3.54
N HIS A 164 -5.22 1.36 3.28
CA HIS A 164 -4.59 0.06 3.04
C HIS A 164 -3.45 -0.05 4.01
N VAL A 165 -3.42 -1.02 4.91
CA VAL A 165 -2.29 -1.18 5.83
C VAL A 165 -1.74 -2.58 5.61
N GLY A 166 -0.44 -2.64 5.46
CA GLY A 166 0.25 -3.86 5.22
C GLY A 166 1.48 -4.01 6.09
N TYR A 167 1.78 -5.25 6.45
CA TYR A 167 2.96 -5.61 7.22
C TYR A 167 3.69 -6.69 6.49
N ASP A 168 4.94 -6.35 6.15
CA ASP A 168 5.86 -7.30 5.48
C ASP A 168 6.66 -7.97 6.58
N GLY A 169 6.34 -9.24 6.86
CA GLY A 169 7.03 -9.96 7.97
C GLY A 169 8.47 -10.34 7.73
N ILE A 170 8.92 -10.26 6.48
CA ILE A 170 10.30 -10.56 6.15
C ILE A 170 11.14 -9.30 6.38
N SER A 171 10.75 -8.16 5.79
CA SER A 171 11.47 -6.95 5.96
C SER A 171 11.18 -6.20 7.29
N LYS A 172 10.12 -6.60 7.95
CA LYS A 172 9.64 -5.99 9.20
C LYS A 172 9.25 -4.55 8.99
N ILE A 173 8.40 -4.28 7.97
CA ILE A 173 7.95 -2.97 7.65
C ILE A 173 6.43 -2.89 7.64
N LEU A 174 5.91 -1.91 8.39
CA LEU A 174 4.51 -1.53 8.41
C LEU A 174 4.30 -0.30 7.54
N THR A 175 3.32 -0.41 6.65
CA THR A 175 2.99 0.62 5.64
C THR A 175 1.52 0.96 5.58
N ALA A 176 1.20 2.25 5.54
CA ALA A 176 -0.19 2.67 5.32
C ALA A 176 -0.20 3.52 4.03
N PHE A 177 -1.19 3.23 3.17
CA PHE A 177 -1.57 4.09 2.08
C PHE A 177 -3.02 4.54 2.36
N VAL A 178 -3.31 5.82 2.28
CA VAL A 178 -4.65 6.33 2.50
C VAL A 178 -5.03 7.12 1.27
N THR A 179 -6.25 6.90 0.75
CA THR A 179 -6.63 7.57 -0.48
C THR A 179 -8.01 8.23 -0.29
N TYR A 180 -8.22 9.34 -0.96
CA TYR A 180 -9.49 10.04 -1.01
C TYR A 180 -9.94 10.18 -2.46
N PRO A 181 -11.21 9.93 -2.73
CA PRO A 181 -11.79 10.03 -4.11
C PRO A 181 -11.63 11.47 -4.55
N ASP A 182 -10.98 11.68 -5.69
CA ASP A 182 -10.65 13.07 -6.13
C ASP A 182 -9.98 13.93 -5.05
N GLY A 183 -9.17 13.32 -4.16
CA GLY A 183 -8.48 14.04 -3.12
C GLY A 183 -7.06 13.55 -2.95
N GLY A 184 -6.54 13.70 -1.74
CA GLY A 184 -5.15 13.38 -1.42
C GLY A 184 -4.88 11.91 -1.31
N ASN A 185 -3.62 11.56 -1.57
CA ASN A 185 -3.10 10.30 -1.24
C ASN A 185 -1.94 10.44 -0.26
N TYR A 186 -1.80 9.44 0.64
CA TYR A 186 -0.85 9.48 1.72
C TYR A 186 -0.09 8.19 1.88
N VAL A 187 1.23 8.29 2.07
CA VAL A 187 2.09 7.14 2.20
C VAL A 187 2.95 7.24 3.42
N LEU A 188 2.90 6.23 4.30
CA LEU A 188 3.70 6.18 5.52
CA LEU A 188 3.85 6.25 5.38
C LEU A 188 4.23 4.82 5.75
N SER A 189 5.54 4.65 6.03
CA SER A 189 6.09 3.34 6.32
C SER A 189 7.10 3.47 7.45
N HIS A 190 7.24 2.40 8.16
CA HIS A 190 8.14 2.33 9.30
C HIS A 190 8.65 0.92 9.50
N VAL A 191 9.98 0.83 9.80
CA VAL A 191 10.55 -0.43 10.15
C VAL A 191 10.24 -0.75 11.63
N VAL A 192 9.59 -1.88 11.87
CA VAL A 192 9.24 -2.27 13.22
C VAL A 192 9.03 -3.73 13.25
N ASP A 193 9.65 -4.45 14.21
CA ASP A 193 9.51 -5.90 14.23
C ASP A 193 8.33 -6.25 15.13
N LEU A 194 7.14 -6.48 14.54
CA LEU A 194 5.96 -6.66 15.33
C LEU A 194 5.98 -7.97 16.14
N ALA A 195 6.71 -8.98 15.69
CA ALA A 195 6.74 -10.22 16.49
C ALA A 195 7.59 -10.05 17.70
N GLU A 196 8.54 -9.13 17.67
CA GLU A 196 9.33 -8.87 18.86
C GLU A 196 8.52 -8.11 19.92
N ILE A 197 7.69 -7.19 19.49
CA ILE A 197 6.82 -6.48 20.41
C ILE A 197 5.76 -7.41 20.94
N PHE A 198 5.23 -8.26 20.08
CA PHE A 198 4.07 -9.11 20.39
C PHE A 198 4.43 -10.57 20.17
N PRO A 199 5.08 -11.14 21.17
CA PRO A 199 5.39 -12.56 20.99
C PRO A 199 4.26 -13.56 21.14
N GLY A 200 3.11 -13.17 21.65
CA GLY A 200 2.01 -14.09 21.76
C GLY A 200 0.87 -13.67 20.83
N ASP A 201 -0.32 -13.70 21.33
CA ASP A 201 -1.49 -13.42 20.53
C ASP A 201 -1.78 -11.91 20.51
N VAL A 202 -2.44 -11.47 19.44
CA VAL A 202 -2.89 -10.11 19.32
C VAL A 202 -4.29 -10.13 18.74
N ARG A 203 -4.96 -8.99 18.93
CA ARG A 203 -6.17 -8.64 18.15
C ARG A 203 -5.96 -7.38 17.38
N ILE A 204 -6.64 -7.25 16.24
CA ILE A 204 -6.64 -6.01 15.44
C ILE A 204 -8.02 -5.36 15.50
N GLY A 205 -8.04 -4.07 15.51
CA GLY A 205 -9.26 -3.34 15.55
C GLY A 205 -9.10 -1.85 15.49
N PHE A 206 -10.21 -1.17 15.79
CA PHE A 206 -10.24 0.25 15.69
C PHE A 206 -10.55 0.90 17.00
N SER A 207 -9.96 2.06 17.22
CA SER A 207 -10.20 2.88 18.40
C SER A 207 -10.50 4.29 18.00
N GLY A 208 -11.59 4.89 18.56
CA GLY A 208 -11.91 6.29 18.23
C GLY A 208 -12.10 7.03 19.51
N ALA A 209 -11.87 8.33 19.51
CA ALA A 209 -12.13 9.11 20.67
C ALA A 209 -12.62 10.51 20.39
N THR A 210 -13.42 11.03 21.31
CA THR A 210 -13.69 12.44 21.40
C THR A 210 -13.20 12.94 22.74
N GLY A 211 -13.05 14.24 22.92
CA GLY A 211 -13.10 15.28 21.91
C GLY A 211 -14.46 15.93 21.84
N GLN A 212 -14.80 16.34 20.61
CA GLN A 212 -15.98 17.18 20.40
C GLN A 212 -16.26 17.18 18.91
N TYR A 213 -17.52 17.29 18.55
CA TYR A 213 -17.98 17.70 17.20
C TYR A 213 -17.55 16.67 16.11
N GLU A 214 -17.36 15.41 16.49
CA GLU A 214 -16.84 14.42 15.57
C GLU A 214 -17.39 13.06 15.86
N THR A 215 -17.64 12.28 14.81
CA THR A 215 -17.99 10.85 14.98
C THR A 215 -17.23 10.15 13.87
N GLN A 216 -16.60 9.04 14.18
CA GLN A 216 -15.84 8.24 13.20
C GLN A 216 -16.54 6.92 12.88
N TYR A 217 -16.62 6.61 11.59
CA TYR A 217 -17.34 5.41 11.16
C TYR A 217 -16.50 4.60 10.25
N ILE A 218 -16.55 3.28 10.45
CA ILE A 218 -15.91 2.31 9.57
C ILE A 218 -16.99 1.66 8.72
N HIS A 219 -16.87 1.78 7.39
CA HIS A 219 -17.89 1.29 6.48
C HIS A 219 -17.64 -0.13 5.94
N SER A 220 -16.39 -0.54 5.82
CA SER A 220 -16.09 -1.88 5.32
C SER A 220 -14.70 -2.21 5.80
N TRP A 221 -14.32 -3.46 5.80
CA TRP A 221 -13.02 -3.91 6.36
C TRP A 221 -12.77 -5.34 5.87
N SER A 222 -11.56 -5.58 5.35
CA SER A 222 -11.16 -6.91 5.07
C SER A 222 -9.70 -7.08 5.51
N PHE A 223 -9.28 -8.29 5.68
CA PHE A 223 -7.96 -8.65 6.26
C PHE A 223 -7.54 -9.98 5.72
N SER A 224 -6.27 -10.16 5.50
CA SER A 224 -5.68 -11.43 5.19
C SER A 224 -4.29 -11.50 5.75
N SER A 225 -3.98 -12.59 6.42
CA SER A 225 -2.57 -12.81 6.83
C SER A 225 -2.06 -14.15 6.34
N THR A 226 -0.74 -14.24 6.16
CA THR A 226 -0.16 -15.45 5.58
C THR A 226 1.19 -15.67 6.26
N SER A 227 1.59 -16.93 6.29
CA SER A 227 2.90 -17.27 6.83
C SER A 227 4.01 -16.84 5.84
N THR A 228 5.14 -16.41 6.35
CA THR A 228 6.35 -16.13 5.55
C THR A 228 7.42 -17.28 5.51
N ASN A 229 7.06 -18.47 5.96
CA ASN A 229 7.91 -19.67 5.69
C ASN A 229 7.43 -20.36 4.43
N SER B 1 9.91 16.18 -6.58
CA SER B 1 8.94 17.19 -7.08
C SER B 1 7.51 16.64 -7.14
N GLU B 2 6.57 17.54 -7.48
CA GLU B 2 5.16 17.28 -7.44
C GLU B 2 4.60 17.10 -8.87
N LEU B 3 3.98 15.97 -9.04
CA LEU B 3 3.47 15.58 -10.33
C LEU B 3 2.26 14.71 -10.03
N SER B 4 1.19 14.87 -10.80
CA SER B 4 0.05 13.94 -10.71
C SER B 4 -0.57 13.67 -12.08
N PHE B 5 -1.10 12.46 -12.24
CA PHE B 5 -1.81 12.13 -13.46
C PHE B 5 -2.80 11.02 -13.17
N ASN B 6 -3.79 10.90 -14.04
CA ASN B 6 -4.83 9.92 -13.87
C ASN B 6 -5.40 9.44 -15.20
N TYR B 7 -5.32 8.15 -15.45
CA TYR B 7 -5.91 7.48 -16.63
C TYR B 7 -6.88 6.46 -16.12
N PRO B 8 -8.17 6.81 -16.02
CA PRO B 8 -9.14 5.84 -15.60
C PRO B 8 -9.30 4.68 -16.57
N ASN B 9 -8.95 4.91 -17.84
CA ASN B 9 -8.71 3.93 -18.87
C ASN B 9 -7.80 4.65 -19.84
N PHE B 10 -7.44 3.95 -20.89
CA PHE B 10 -6.53 4.46 -21.88
C PHE B 10 -7.23 4.68 -23.20
N GLN B 11 -8.45 5.18 -23.12
CA GLN B 11 -9.07 5.71 -24.35
C GLN B 11 -8.19 6.81 -24.98
N SER B 12 -7.61 7.65 -24.13
CA SER B 12 -6.60 8.63 -24.51
C SER B 12 -5.24 8.13 -23.99
N VAL B 13 -4.21 8.26 -24.83
CA VAL B 13 -2.86 7.90 -24.35
C VAL B 13 -1.99 9.11 -24.47
N GLU B 14 -2.64 10.27 -24.39
CA GLU B 14 -1.87 11.48 -24.39
C GLU B 14 -0.90 11.40 -23.20
N ASP B 15 0.31 11.90 -23.46
CA ASP B 15 1.45 11.89 -22.51
C ASP B 15 2.03 10.52 -22.12
N ILE B 16 1.74 9.47 -22.86
CA ILE B 16 2.44 8.23 -22.72
C ILE B 16 3.39 8.06 -23.87
N THR B 17 4.66 7.73 -23.57
CA THR B 17 5.61 7.40 -24.58
C THR B 17 5.74 5.91 -24.75
N PHE B 18 5.54 5.44 -25.97
CA PHE B 18 5.69 3.98 -26.23
C PHE B 18 6.98 3.66 -26.98
N GLN B 19 7.69 2.66 -26.53
CA GLN B 19 8.89 2.17 -27.16
C GLN B 19 8.85 0.68 -27.33
N GLY B 20 9.72 0.17 -28.21
CA GLY B 20 9.76 -1.28 -28.43
C GLY B 20 8.39 -1.77 -28.97
N GLY B 21 7.94 -2.86 -28.44
CA GLY B 21 6.77 -3.57 -28.86
C GLY B 21 5.48 -3.16 -28.18
N ALA B 22 5.52 -2.10 -27.37
CA ALA B 22 4.30 -1.65 -26.65
C ALA B 22 3.44 -0.73 -27.46
N SER B 23 2.14 -0.72 -27.24
CA SER B 23 1.24 0.14 -28.02
C SER B 23 -0.09 0.27 -27.31
N PRO B 24 -0.88 1.23 -27.74
CA PRO B 24 -2.26 1.33 -27.22
C PRO B 24 -3.10 0.28 -27.94
N ARG B 25 -3.90 -0.45 -27.23
CA ARG B 25 -4.84 -1.43 -27.86
C ARG B 25 -6.09 -1.55 -27.03
N ASN B 26 -7.26 -1.41 -27.67
CA ASN B 26 -8.50 -1.62 -26.96
C ASN B 26 -8.61 -0.86 -25.64
N GLU B 27 -8.17 0.40 -25.62
CA GLU B 27 -8.24 1.27 -24.46
C GLU B 27 -7.39 0.80 -23.25
N THR B 28 -6.35 0.05 -23.54
CA THR B 28 -5.36 -0.42 -22.56
C THR B 28 -3.96 -0.15 -23.08
N LEU B 29 -2.96 -0.25 -22.20
CA LEU B 29 -1.56 -0.30 -22.66
C LEU B 29 -1.19 -1.74 -22.90
N GLN B 30 -0.90 -2.12 -24.16
CA GLN B 30 -0.47 -3.47 -24.41
C GLN B 30 1.06 -3.49 -24.44
N LEU B 31 1.69 -4.20 -23.52
CA LEU B 31 3.13 -4.01 -23.35
C LEU B 31 4.01 -4.79 -24.32
N THR B 32 3.52 -5.92 -24.81
CA THR B 32 4.24 -6.72 -25.78
C THR B 32 3.27 -6.99 -26.95
N PRO B 33 3.85 -7.19 -28.18
CA PRO B 33 3.05 -7.12 -29.40
C PRO B 33 2.43 -8.46 -29.76
N THR B 34 1.36 -8.40 -30.48
CA THR B 34 0.69 -9.56 -30.98
C THR B 34 0.62 -9.42 -32.51
N ASP B 35 0.59 -10.54 -33.20
CA ASP B 35 0.42 -10.48 -34.63
C ASP B 35 -1.07 -10.22 -34.94
N SER B 36 -1.39 -10.13 -36.25
CA SER B 36 -2.78 -9.78 -36.59
C SER B 36 -3.80 -10.88 -36.27
N ASN B 37 -3.38 -12.11 -36.04
CA ASN B 37 -4.24 -13.17 -35.51
C ASN B 37 -4.32 -13.16 -33.98
N GLY B 38 -3.71 -12.19 -33.26
CA GLY B 38 -3.80 -12.19 -31.81
C GLY B 38 -2.70 -12.97 -31.08
N ILE B 39 -1.76 -13.56 -31.84
CA ILE B 39 -0.77 -14.41 -31.24
C ILE B 39 0.43 -13.61 -30.68
N PRO B 40 0.81 -13.82 -29.40
CA PRO B 40 1.97 -13.07 -28.85
C PRO B 40 3.23 -13.39 -29.61
N ILE B 41 3.96 -12.36 -29.98
CA ILE B 41 5.15 -12.45 -30.75
C ILE B 41 6.28 -12.75 -29.76
N ARG B 42 7.04 -13.85 -30.01
CA ARG B 42 8.14 -14.26 -29.11
C ARG B 42 9.33 -13.29 -29.15
N GLN B 43 10.05 -13.20 -28.05
CA GLN B 43 11.27 -12.39 -28.00
C GLN B 43 11.06 -10.94 -28.33
N ARG B 44 10.18 -10.28 -27.58
CA ARG B 44 9.93 -8.87 -27.74
C ARG B 44 9.81 -8.18 -26.37
N ALA B 45 10.29 -6.96 -26.31
CA ALA B 45 10.06 -6.11 -25.12
C ALA B 45 9.42 -4.85 -25.52
N GLY B 46 8.67 -4.23 -24.58
CA GLY B 46 8.07 -2.94 -24.84
C GLY B 46 7.93 -2.12 -23.58
N HIS B 47 8.04 -0.81 -23.75
CA HIS B 47 7.85 0.14 -22.63
C HIS B 47 6.70 1.09 -22.94
N ALA B 48 5.96 1.45 -21.89
CA ALA B 48 4.95 2.49 -21.95
C ALA B 48 5.20 3.39 -20.75
N VAL B 49 5.64 4.63 -20.99
CA VAL B 49 6.24 5.44 -19.90
C VAL B 49 5.52 6.75 -19.82
N TYR B 50 5.21 7.30 -18.63
CA TYR B 50 4.69 8.62 -18.62
C TYR B 50 5.74 9.61 -19.02
N SER B 51 5.42 10.47 -19.98
CA SER B 51 6.47 11.26 -20.63
CA SER B 51 6.45 11.29 -20.64
C SER B 51 7.10 12.36 -19.76
N GLN B 52 6.41 12.85 -18.74
CA GLN B 52 6.95 14.00 -17.97
C GLN B 52 7.81 13.47 -16.83
N PRO B 53 9.04 13.97 -16.73
CA PRO B 53 9.93 13.49 -15.64
C PRO B 53 9.62 14.18 -14.32
N PHE B 54 10.04 13.59 -13.26
CA PHE B 54 9.92 14.12 -11.90
C PHE B 54 11.26 13.87 -11.19
N GLN B 55 11.44 14.48 -10.04
CA GLN B 55 12.66 14.26 -9.26
C GLN B 55 12.27 13.60 -7.94
N LEU B 56 13.20 12.90 -7.33
CA LEU B 56 12.98 12.14 -6.10
C LEU B 56 13.54 12.72 -4.80
N ARG B 57 14.35 13.79 -4.83
CA ARG B 57 14.81 14.42 -3.63
C ARG B 57 13.65 14.91 -2.79
N ASP B 58 13.55 14.55 -1.51
CA ASP B 58 12.51 15.12 -0.64
C ASP B 58 11.10 14.87 -1.22
N THR B 59 10.90 13.71 -1.80
CA THR B 59 9.65 13.29 -2.41
C THR B 59 9.10 11.96 -1.93
N SER B 60 7.76 11.91 -1.78
CA SER B 60 7.02 10.65 -1.66
C SER B 60 6.13 10.49 -2.83
N PHE B 61 5.75 9.26 -3.14
CA PHE B 61 4.77 9.06 -4.21
C PHE B 61 3.86 7.88 -3.98
N TYR B 62 2.69 7.95 -4.61
CA TYR B 62 1.73 6.87 -4.61
C TYR B 62 1.27 6.64 -6.02
N THR B 63 1.22 5.35 -6.42
CA THR B 63 0.70 5.03 -7.73
C THR B 63 -0.07 3.76 -7.67
N THR B 64 -1.14 3.71 -8.47
CA THR B 64 -1.96 2.49 -8.53
C THR B 64 -2.29 2.20 -10.00
N PHE B 65 -2.44 0.93 -10.32
CA PHE B 65 -2.82 0.56 -11.65
C PHE B 65 -3.54 -0.75 -11.63
N THR B 66 -4.32 -0.97 -12.63
CA THR B 66 -4.96 -2.28 -12.80
C THR B 66 -4.40 -2.95 -14.03
N PHE B 67 -4.35 -4.26 -14.02
CA PHE B 67 -3.71 -5.03 -15.08
C PHE B 67 -4.34 -6.39 -15.29
N VAL B 68 -4.12 -6.87 -16.51
CA VAL B 68 -4.53 -8.24 -16.90
C VAL B 68 -3.34 -8.92 -17.56
N ILE B 69 -3.17 -10.20 -17.26
CA ILE B 69 -2.16 -11.05 -17.97
C ILE B 69 -2.95 -12.04 -18.72
N ARG B 70 -2.84 -12.00 -20.05
CA ARG B 70 -3.59 -12.92 -20.87
C ARG B 70 -2.61 -14.00 -21.28
N THR B 71 -2.87 -15.23 -20.84
CA THR B 71 -2.00 -16.32 -21.24
C THR B 71 -2.68 -17.18 -22.20
N THR B 72 -1.89 -17.81 -23.02
CA THR B 72 -2.43 -18.61 -24.05
C THR B 72 -1.87 -20.02 -23.94
N SER B 73 -1.14 -20.32 -22.87
CA SER B 73 -0.72 -21.66 -22.53
C SER B 73 -0.36 -21.78 -21.07
N ASN B 74 -0.05 -23.00 -20.66
CA ASN B 74 0.41 -23.27 -19.30
C ASN B 74 1.84 -22.81 -19.00
N SER B 75 2.57 -22.35 -20.00
CA SER B 75 3.97 -21.91 -19.83
C SER B 75 4.20 -20.51 -20.40
N PRO B 76 3.47 -19.54 -19.87
CA PRO B 76 3.70 -18.16 -20.29
C PRO B 76 5.05 -17.59 -19.86
N ALA B 77 5.53 -16.59 -20.64
CA ALA B 77 6.78 -15.88 -20.25
C ALA B 77 6.70 -14.55 -20.93
N ASP B 78 7.22 -13.49 -20.29
CA ASP B 78 8.04 -13.48 -19.08
C ASP B 78 7.54 -12.63 -17.94
N GLY B 79 6.53 -11.87 -18.20
CA GLY B 79 5.93 -10.93 -17.23
C GLY B 79 6.10 -9.48 -17.51
N PHE B 80 5.94 -8.63 -16.50
CA PHE B 80 6.12 -7.22 -16.72
C PHE B 80 6.49 -6.59 -15.37
N ALA B 81 6.79 -5.31 -15.45
CA ALA B 81 7.11 -4.50 -14.29
C ALA B 81 6.65 -3.09 -14.42
N ILE B 82 6.36 -2.46 -13.27
CA ILE B 82 6.33 -1.02 -13.20
C ILE B 82 7.72 -0.61 -12.73
N PHE B 83 8.29 0.41 -13.36
CA PHE B 83 9.69 0.79 -13.05
C PHE B 83 9.96 2.26 -13.13
N ILE B 84 11.02 2.67 -12.42
CA ILE B 84 11.55 4.04 -12.53
C ILE B 84 12.96 3.95 -13.06
N ALA B 85 13.28 4.91 -13.89
CA ALA B 85 14.63 4.93 -14.53
C ALA B 85 15.00 6.37 -14.84
N PRO B 86 16.29 6.61 -15.11
CA PRO B 86 16.72 7.97 -15.52
C PRO B 86 16.39 8.27 -16.96
N PRO B 87 16.72 9.48 -17.40
CA PRO B 87 16.36 9.88 -18.78
C PRO B 87 17.02 8.96 -19.77
N ASP B 88 16.38 8.82 -20.94
CA ASP B 88 16.97 8.13 -22.07
C ASP B 88 17.07 6.64 -21.81
N PHE B 89 16.40 6.10 -20.78
CA PHE B 89 16.47 4.68 -20.57
C PHE B 89 15.85 3.89 -21.71
N PRO B 90 16.64 3.01 -22.36
CA PRO B 90 16.15 2.32 -23.58
C PRO B 90 15.42 1.06 -23.23
N VAL B 91 14.74 0.54 -24.24
CA VAL B 91 14.17 -0.81 -24.17
C VAL B 91 15.35 -1.80 -24.22
N LYS B 92 15.51 -2.58 -23.14
CA LYS B 92 16.64 -3.50 -23.03
C LYS B 92 16.13 -4.88 -23.41
N ARG B 93 16.77 -5.94 -22.93
CA ARG B 93 16.55 -7.25 -23.54
C ARG B 93 15.19 -7.84 -23.22
N TYR B 94 14.64 -8.50 -24.24
CA TYR B 94 13.47 -9.38 -24.14
C TYR B 94 13.75 -10.61 -23.28
N GLY B 95 12.77 -11.48 -23.19
CA GLY B 95 12.86 -12.62 -22.31
C GLY B 95 12.89 -12.27 -20.86
N GLY B 96 13.64 -13.07 -20.10
CA GLY B 96 13.62 -12.93 -18.66
C GLY B 96 14.20 -11.68 -18.11
N TYR B 97 14.87 -10.93 -18.97
CA TYR B 97 15.35 -9.61 -18.59
C TYR B 97 14.27 -8.52 -18.47
N LEU B 98 13.04 -8.85 -18.89
CA LEU B 98 11.86 -8.03 -18.71
C LEU B 98 11.95 -6.66 -19.36
N GLY B 99 12.78 -6.52 -20.40
CA GLY B 99 13.01 -5.29 -21.10
C GLY B 99 13.77 -4.24 -20.25
N LEU B 100 14.40 -4.67 -19.15
CA LEU B 100 15.01 -3.69 -18.20
C LEU B 100 16.51 -3.91 -17.95
N PHE B 101 17.04 -4.98 -18.48
CA PHE B 101 18.41 -5.41 -18.25
C PHE B 101 19.02 -6.01 -19.53
N GLU B 102 20.35 -5.99 -19.57
CA GLU B 102 21.17 -6.68 -20.65
C GLU B 102 21.88 -7.86 -20.02
N PRO B 103 22.16 -8.92 -20.80
CA PRO B 103 22.65 -10.19 -20.23
C PRO B 103 23.90 -10.11 -19.44
N ASN B 104 24.87 -9.37 -19.91
CA ASN B 104 26.17 -9.52 -19.21
C ASN B 104 26.24 -8.73 -17.89
N THR B 105 25.24 -7.85 -17.64
CA THR B 105 25.25 -7.04 -16.44
C THR B 105 23.97 -7.09 -15.65
N ALA B 106 23.12 -8.04 -15.98
CA ALA B 106 21.78 -8.03 -15.37
C ALA B 106 21.78 -8.28 -13.87
N THR B 107 22.79 -8.99 -13.34
CA THR B 107 22.83 -9.28 -11.90
C THR B 107 23.83 -8.37 -11.17
N ASN B 108 24.36 -7.30 -11.80
CA ASN B 108 25.45 -6.52 -11.26
C ASN B 108 24.86 -5.18 -10.84
N THR B 109 24.68 -4.98 -9.52
CA THR B 109 24.04 -3.78 -9.01
C THR B 109 24.88 -2.53 -9.22
N SER B 110 26.14 -2.72 -9.61
CA SER B 110 26.98 -1.57 -9.90
CA SER B 110 26.99 -1.59 -9.89
C SER B 110 26.86 -1.17 -11.36
N ALA B 111 26.08 -1.85 -12.16
CA ALA B 111 25.94 -1.56 -13.60
C ALA B 111 24.56 -1.26 -14.09
N ASN B 112 23.63 -1.05 -13.18
CA ASN B 112 22.29 -0.70 -13.53
C ASN B 112 21.78 0.41 -12.64
N LYS B 113 20.87 1.18 -13.16
CA LYS B 113 20.11 2.19 -12.38
C LYS B 113 18.66 2.14 -12.73
N VAL B 114 17.98 1.22 -12.08
CA VAL B 114 16.54 0.99 -12.41
C VAL B 114 15.95 0.32 -11.17
N VAL B 115 14.76 0.76 -10.81
CA VAL B 115 14.04 0.16 -9.70
C VAL B 115 12.63 -0.22 -10.16
N ALA B 116 12.22 -1.43 -9.84
CA ALA B 116 10.99 -1.95 -10.36
C ALA B 116 10.26 -2.81 -9.38
N VAL B 117 8.96 -2.92 -9.61
CA VAL B 117 8.17 -4.06 -9.03
C VAL B 117 7.74 -4.94 -10.19
N GLU B 118 8.20 -6.17 -10.15
CA GLU B 118 8.04 -7.15 -11.21
C GLU B 118 6.98 -8.21 -10.89
N PHE B 119 6.34 -8.66 -11.96
CA PHE B 119 5.36 -9.71 -11.93
C PHE B 119 5.89 -10.76 -12.89
N ASP B 120 6.52 -11.78 -12.32
CA ASP B 120 7.38 -12.66 -13.07
C ASP B 120 6.70 -14.01 -13.29
N THR B 121 6.37 -14.30 -14.57
CA THR B 121 5.62 -15.50 -14.95
C THR B 121 6.46 -16.71 -15.31
N TRP B 122 7.76 -16.52 -15.43
CA TRP B 122 8.63 -17.58 -15.94
C TRP B 122 9.85 -17.72 -14.99
N VAL B 123 9.93 -18.86 -14.39
CA VAL B 123 11.10 -19.18 -13.53
C VAL B 123 12.39 -19.36 -14.36
N ASN B 124 13.28 -18.39 -14.24
CA ASN B 124 14.55 -18.47 -14.93
C ASN B 124 15.62 -19.25 -14.16
N THR B 125 16.27 -20.17 -14.85
CA THR B 125 17.50 -20.83 -14.33
C THR B 125 18.79 -20.06 -14.53
N GLU B 126 18.81 -19.01 -15.36
CA GLU B 126 20.00 -18.27 -15.76
C GLU B 126 20.53 -17.34 -14.65
N TRP B 127 19.71 -17.09 -13.65
CA TRP B 127 20.12 -16.30 -12.46
C TRP B 127 19.25 -16.84 -11.33
N LYS B 128 19.50 -16.40 -10.09
CA LYS B 128 18.77 -16.79 -8.95
C LYS B 128 17.39 -16.17 -8.91
N GLU B 129 16.39 -17.01 -8.88
CA GLU B 129 15.09 -16.57 -8.52
C GLU B 129 14.32 -17.76 -7.95
N PRO B 130 13.21 -17.51 -7.30
CA PRO B 130 12.47 -18.62 -6.68
C PRO B 130 11.97 -19.64 -7.68
N ARG B 131 11.65 -20.82 -7.19
CA ARG B 131 11.25 -21.96 -8.04
C ARG B 131 9.80 -21.90 -8.44
N TYR B 132 9.13 -20.78 -8.19
CA TYR B 132 7.71 -20.59 -8.49
C TYR B 132 7.57 -19.20 -9.11
N ARG B 133 6.41 -18.95 -9.72
CA ARG B 133 6.10 -17.58 -10.20
C ARG B 133 6.06 -16.66 -8.97
N HIS B 134 6.38 -15.38 -9.16
CA HIS B 134 6.67 -14.47 -8.06
C HIS B 134 6.53 -13.04 -8.41
N ILE B 135 6.29 -12.24 -7.37
CA ILE B 135 6.23 -10.80 -7.46
C ILE B 135 7.46 -10.31 -6.69
N GLY B 136 8.18 -9.33 -7.22
CA GLY B 136 9.38 -8.94 -6.57
C GLY B 136 9.69 -7.48 -6.66
N ILE B 137 10.54 -6.99 -5.74
CA ILE B 137 11.06 -5.64 -5.86
C ILE B 137 12.49 -5.79 -6.37
N ASP B 138 12.85 -5.01 -7.41
CA ASP B 138 14.15 -5.10 -8.07
C ASP B 138 14.82 -3.75 -7.86
N VAL B 139 16.08 -3.77 -7.40
CA VAL B 139 16.88 -2.56 -7.28
C VAL B 139 18.22 -2.86 -7.99
N ASN B 140 18.31 -2.37 -9.22
CA ASN B 140 19.56 -2.42 -10.00
C ASN B 140 20.02 -3.79 -10.39
N SER B 141 19.10 -4.77 -10.30
CA SER B 141 19.42 -6.16 -10.69
C SER B 141 18.14 -6.93 -10.98
N ILE B 142 18.25 -7.91 -11.85
CA ILE B 142 17.13 -8.78 -12.19
C ILE B 142 16.92 -9.82 -11.06
N VAL B 143 17.85 -9.93 -10.12
CA VAL B 143 17.65 -10.78 -8.94
C VAL B 143 17.04 -9.92 -7.85
N SER B 144 15.77 -10.16 -7.61
CA SER B 144 14.97 -9.27 -6.72
C SER B 144 15.58 -9.22 -5.32
N VAL B 145 15.51 -8.06 -4.70
CA VAL B 145 15.96 -7.88 -3.31
C VAL B 145 14.92 -8.35 -2.31
N ARG B 146 13.67 -8.39 -2.72
CA ARG B 146 12.53 -8.87 -1.94
C ARG B 146 11.58 -9.54 -2.92
N VAL B 147 11.17 -10.76 -2.59
CA VAL B 147 10.41 -11.56 -3.51
C VAL B 147 9.46 -12.49 -2.80
N THR B 148 8.26 -12.64 -3.33
CA THR B 148 7.24 -13.56 -2.77
C THR B 148 6.56 -14.41 -3.83
N ARG B 149 6.06 -15.58 -3.41
CA ARG B 149 5.28 -16.36 -4.30
C ARG B 149 3.97 -15.70 -4.79
N TRP B 150 3.75 -15.81 -6.10
CA TRP B 150 2.57 -15.30 -6.77
C TRP B 150 1.78 -16.59 -7.10
N GLN B 151 0.59 -16.71 -6.56
CA GLN B 151 -0.13 -18.00 -6.69
C GLN B 151 -0.54 -18.20 -8.12
N ASP B 152 -0.42 -19.44 -8.63
CA ASP B 152 -0.90 -19.67 -10.01
C ASP B 152 -2.37 -19.36 -10.24
N LYS B 153 -3.19 -19.60 -9.23
CA LYS B 153 -4.62 -19.30 -9.38
C LYS B 153 -4.78 -17.83 -9.74
N ASP B 154 -3.93 -16.96 -9.15
CA ASP B 154 -4.01 -15.52 -9.51
C ASP B 154 -3.37 -15.23 -10.91
N VAL B 155 -2.17 -15.75 -11.13
CA VAL B 155 -1.51 -15.61 -12.39
C VAL B 155 -2.45 -15.85 -13.57
N PHE B 156 -3.19 -16.97 -13.50
CA PHE B 156 -3.99 -17.44 -14.64
C PHE B 156 -5.50 -17.09 -14.53
N SER B 157 -5.86 -16.23 -13.60
CA SER B 157 -7.24 -15.89 -13.34
C SER B 157 -7.94 -15.14 -14.48
N ARG B 158 -7.20 -14.43 -15.30
CA ARG B 158 -7.75 -13.45 -16.25
C ARG B 158 -8.53 -12.36 -15.55
N SER B 159 -8.32 -12.20 -14.24
CA SER B 159 -8.92 -11.10 -13.53
C SER B 159 -8.20 -9.75 -13.81
N ILE B 160 -8.96 -8.68 -13.67
CA ILE B 160 -8.36 -7.36 -13.57
C ILE B 160 -7.84 -7.21 -12.11
N ALA B 161 -6.54 -7.26 -11.93
CA ALA B 161 -5.90 -7.17 -10.67
C ALA B 161 -5.48 -5.73 -10.39
N THR B 162 -5.22 -5.38 -9.12
CA THR B 162 -4.84 -4.08 -8.75
C THR B 162 -3.49 -4.09 -8.07
N ALA B 163 -2.66 -3.11 -8.39
CA ALA B 163 -1.39 -2.90 -7.68
C ALA B 163 -1.44 -1.48 -7.09
N HIS B 164 -0.85 -1.38 -5.95
CA HIS B 164 -0.57 -0.12 -5.27
C HIS B 164 0.92 -0.10 -4.96
N VAL B 165 1.59 0.97 -5.36
CA VAL B 165 3.01 1.08 -5.11
C VAL B 165 3.29 2.44 -4.51
N GLY B 166 3.92 2.48 -3.36
CA GLY B 166 4.19 3.73 -2.65
C GLY B 166 5.62 3.87 -2.25
N TYR B 167 6.13 5.09 -2.27
CA TYR B 167 7.48 5.34 -1.73
C TYR B 167 7.37 6.45 -0.69
N ASP B 168 7.80 6.11 0.52
CA ASP B 168 7.88 7.06 1.59
C ASP B 168 9.31 7.67 1.60
N GLY B 169 9.38 8.92 1.23
CA GLY B 169 10.60 9.64 1.09
C GLY B 169 11.28 10.03 2.37
N ILE B 170 10.59 9.92 3.52
CA ILE B 170 11.22 10.20 4.81
C ILE B 170 11.86 8.95 5.32
N SER B 171 11.13 7.84 5.34
CA SER B 171 11.68 6.55 5.78
C SER B 171 12.52 5.81 4.76
N LYS B 172 12.47 6.25 3.49
CA LYS B 172 13.16 5.58 2.39
C LYS B 172 12.69 4.16 2.22
N ILE B 173 11.36 3.99 2.02
CA ILE B 173 10.79 2.68 1.92
C ILE B 173 9.89 2.63 0.73
N LEU B 174 10.12 1.62 -0.11
CA LEU B 174 9.28 1.30 -1.26
C LEU B 174 8.41 0.08 -0.96
N THR B 175 7.09 0.24 -1.16
CA THR B 175 6.11 -0.85 -0.82
C THR B 175 5.17 -1.13 -1.95
N ALA B 176 4.91 -2.40 -2.21
CA ALA B 176 3.82 -2.78 -3.10
C ALA B 176 2.80 -3.63 -2.41
N PHE B 177 1.52 -3.33 -2.66
CA PHE B 177 0.39 -4.21 -2.30
C PHE B 177 -0.26 -4.60 -3.62
N VAL B 178 -0.52 -5.86 -3.80
CA VAL B 178 -1.21 -6.35 -5.03
C VAL B 178 -2.39 -7.14 -4.58
N THR B 179 -3.54 -6.88 -5.19
CA THR B 179 -4.76 -7.61 -4.79
C THR B 179 -5.51 -8.17 -6.02
N TYR B 180 -6.13 -9.33 -5.82
CA TYR B 180 -6.96 -9.95 -6.81
C TYR B 180 -8.39 -10.02 -6.29
N PRO B 181 -9.38 -9.76 -7.15
CA PRO B 181 -10.75 -9.98 -6.69
C PRO B 181 -11.09 -11.44 -6.31
N ASP B 182 -11.60 -11.62 -5.13
CA ASP B 182 -11.76 -12.98 -4.61
C ASP B 182 -10.48 -13.87 -4.78
N GLY B 183 -9.27 -13.28 -4.79
CA GLY B 183 -8.04 -14.03 -4.83
C GLY B 183 -7.01 -13.55 -3.80
N GLY B 184 -5.73 -13.66 -4.12
CA GLY B 184 -4.72 -13.37 -3.20
C GLY B 184 -4.41 -11.89 -3.05
N ASN B 185 -3.80 -11.59 -1.91
CA ASN B 185 -3.27 -10.28 -1.60
C ASN B 185 -1.73 -10.50 -1.34
N TYR B 186 -0.92 -9.56 -1.75
CA TYR B 186 0.52 -9.64 -1.67
C TYR B 186 1.08 -8.37 -1.12
N VAL B 187 2.04 -8.47 -0.20
CA VAL B 187 2.67 -7.29 0.43
C VAL B 187 4.19 -7.46 0.33
N LEU B 188 4.90 -6.47 -0.18
CA LEU B 188 6.37 -6.46 -0.21
C LEU B 188 6.85 -5.10 0.10
N SER B 189 7.88 -4.98 0.92
CA SER B 189 8.52 -3.68 1.22
C SER B 189 10.01 -3.78 1.32
N HIS B 190 10.67 -2.67 1.02
CA HIS B 190 12.15 -2.70 1.01
C HIS B 190 12.63 -1.29 1.28
N VAL B 191 13.68 -1.22 2.11
CA VAL B 191 14.34 0.05 2.38
C VAL B 191 15.29 0.39 1.29
N VAL B 192 15.08 1.52 0.58
CA VAL B 192 15.99 1.90 -0.48
C VAL B 192 15.86 3.41 -0.65
N ASP B 193 17.02 4.11 -0.66
CA ASP B 193 17.02 5.59 -0.79
C ASP B 193 17.06 5.96 -2.28
N LEU B 194 15.89 6.19 -2.86
CA LEU B 194 15.77 6.38 -4.31
C LEU B 194 16.46 7.65 -4.73
N ALA B 195 16.55 8.64 -3.86
CA ALA B 195 17.13 9.91 -4.33
C ALA B 195 18.67 9.76 -4.46
N GLU B 196 19.23 8.84 -3.67
CA GLU B 196 20.65 8.53 -3.83
C GLU B 196 20.90 7.76 -5.11
N ILE B 197 19.99 6.85 -5.51
CA ILE B 197 20.16 6.16 -6.80
C ILE B 197 19.99 7.07 -8.01
N PHE B 198 18.96 7.97 -7.92
CA PHE B 198 18.50 8.78 -9.05
C PHE B 198 18.62 10.21 -8.61
N PRO B 199 19.74 10.82 -8.87
CA PRO B 199 19.91 12.21 -8.43
C PRO B 199 19.36 13.31 -9.35
N GLY B 200 18.83 12.95 -10.50
CA GLY B 200 18.20 13.91 -11.40
C GLY B 200 16.80 13.56 -11.79
N ASP B 201 16.49 13.61 -13.06
CA ASP B 201 15.13 13.36 -13.51
C ASP B 201 14.95 11.84 -13.52
N VAL B 202 13.72 11.42 -13.29
CA VAL B 202 13.33 10.01 -13.54
C VAL B 202 11.96 10.05 -14.20
N ARG B 203 11.63 8.96 -14.90
CA ARG B 203 10.29 8.73 -15.43
C ARG B 203 9.83 7.38 -14.90
N ILE B 204 8.53 7.28 -14.74
CA ILE B 204 7.86 6.01 -14.34
C ILE B 204 7.06 5.45 -15.50
N GLY B 205 6.99 4.12 -15.51
CA GLY B 205 6.39 3.42 -16.60
C GLY B 205 6.32 1.97 -16.40
N PHE B 206 5.97 1.28 -17.49
CA PHE B 206 5.79 -0.15 -17.51
C PHE B 206 6.67 -0.78 -18.56
N SER B 207 7.27 -1.91 -18.24
CA SER B 207 8.04 -2.70 -19.20
C SER B 207 7.52 -4.14 -19.22
N GLY B 208 7.27 -4.71 -20.40
CA GLY B 208 6.86 -6.07 -20.51
C GLY B 208 7.76 -6.81 -21.48
N ALA B 209 7.80 -8.11 -21.36
CA ALA B 209 8.60 -8.86 -22.31
C ALA B 209 8.05 -10.28 -22.51
N THR B 210 8.29 -10.77 -23.74
CA THR B 210 8.13 -12.16 -24.07
C THR B 210 9.51 -12.71 -24.44
N GLY B 211 9.74 -14.02 -24.46
CA GLY B 211 8.86 -14.99 -23.89
C GLY B 211 7.97 -15.65 -24.91
N GLN B 212 6.73 -15.97 -24.47
CA GLN B 212 5.85 -16.74 -25.28
C GLN B 212 4.50 -16.81 -24.60
N TYR B 213 3.46 -16.84 -25.42
CA TYR B 213 2.11 -17.25 -24.98
C TYR B 213 1.51 -16.32 -23.88
N GLU B 214 1.88 -15.04 -23.92
CA GLU B 214 1.52 -14.12 -22.90
C GLU B 214 1.48 -12.76 -23.47
N THR B 215 0.45 -11.99 -23.08
CA THR B 215 0.43 -10.55 -23.35
C THR B 215 -0.03 -9.87 -22.03
N GLN B 216 0.58 -8.75 -21.70
CA GLN B 216 0.39 -8.00 -20.46
C GLN B 216 -0.29 -6.72 -20.84
N TYR B 217 -1.39 -6.37 -20.09
CA TYR B 217 -2.16 -5.17 -20.35
C TYR B 217 -2.34 -4.32 -19.10
N ILE B 218 -2.17 -3.03 -19.26
CA ILE B 218 -2.48 -2.08 -18.21
C ILE B 218 -3.84 -1.42 -18.55
N HIS B 219 -4.80 -1.48 -17.63
CA HIS B 219 -6.17 -1.01 -17.86
C HIS B 219 -6.47 0.38 -17.29
N SER B 220 -5.73 0.78 -16.26
CA SER B 220 -5.89 2.08 -15.62
C SER B 220 -4.64 2.40 -14.84
N TRP B 221 -4.41 3.71 -14.54
CA TRP B 221 -3.20 4.10 -13.84
C TRP B 221 -3.29 5.51 -13.33
N SER B 222 -3.01 5.70 -12.05
CA SER B 222 -2.90 7.03 -11.50
C SER B 222 -1.65 7.17 -10.65
N PHE B 223 -1.19 8.41 -10.45
CA PHE B 223 0.06 8.67 -9.73
C PHE B 223 -0.06 10.02 -9.07
N SER B 224 0.53 10.14 -7.91
CA SER B 224 0.75 11.47 -7.30
C SER B 224 2.05 11.42 -6.53
N SER B 225 2.81 12.53 -6.63
CA SER B 225 4.04 12.73 -5.85
C SER B 225 3.94 14.07 -5.11
N THR B 226 4.49 14.10 -3.90
CA THR B 226 4.48 15.31 -3.12
C THR B 226 5.80 15.49 -2.44
N SER B 227 6.08 16.76 -2.15
CA SER B 227 7.30 17.08 -1.41
C SER B 227 7.18 16.65 0.04
N THR B 228 8.24 16.09 0.64
CA THR B 228 8.22 15.79 2.08
C THR B 228 8.61 17.03 2.94
N ASN B 229 8.64 18.23 2.34
CA ASN B 229 8.64 19.53 3.09
C ASN B 229 7.25 20.21 3.14
N SER C 2 -3.66 23.59 25.90
CA SER C 2 -3.95 22.32 26.68
C SER C 2 -5.46 22.31 27.00
N THR C 3 -6.12 21.12 26.99
CA THR C 3 -7.56 21.05 27.27
C THR C 3 -7.78 20.09 28.41
N VAL C 4 -6.74 19.74 29.18
CA VAL C 4 -6.91 18.76 30.28
C VAL C 4 -6.44 19.24 31.65
N SER D 2 17.36 -23.71 -18.93
CA SER D 2 17.74 -22.41 -19.59
CA SER D 2 17.83 -22.46 -19.64
C SER D 2 17.20 -22.39 -20.99
N THR D 3 16.98 -21.16 -21.52
CA THR D 3 16.44 -20.91 -22.88
C THR D 3 17.12 -19.91 -23.84
N VAL D 4 18.36 -19.49 -23.64
CA VAL D 4 19.05 -18.68 -24.74
C VAL D 4 20.33 -19.40 -25.19
N GLY D 5 20.54 -19.46 -26.49
#